data_6RN5
#
_entry.id   6RN5
#
_cell.length_a   49.303
_cell.length_b   132.233
_cell.length_c   116.398
_cell.angle_alpha   90.000
_cell.angle_beta   90.000
_cell.angle_gamma   90.000
#
_symmetry.space_group_name_H-M   'C 2 2 21'
#
loop_
_entity.id
_entity.type
_entity.pdbx_description
1 polymer 'CHAD domain protein'
2 non-polymer 'COPPER (II) ION'
3 non-polymer 'CHLORIDE ION'
4 non-polymer 'SULFATE ION'
5 non-polymer 'CARBONATE ION'
6 water water
#
_entity_poly.entity_id   1
_entity_poly.type   'polypeptide(L)'
_entity_poly.pdbx_seq_one_letter_code
;GHMAQRHLDPTDPLAGPSPTGDTLAGYLRAQATEFLRALRLHRETGSGANGAEGPVEAARALRRSARRISATLHTFQSLL
DTDWCEGMRPELAWVSGTLAMEHAYTARLERLLNALHRLSGSTALPSQTADSAAGGRAAGAAPVPRTAAPRDAGLRTPPT
STTERGNLTVGAAKAGALLDRQLTLARTRAHSTALQAMGSSRFHAIADKVAVLASEVPLTPAAATADLRPLATAAKDRLT
DAVAALPLITAGHPYNAAALIHGLSPDTVPHPQDAPWHQVRLLLRLHRYAREAVSGPKGNAVVDLRLLSAGQALNRHRDA
SEAAAAAAQAARTPRIAPATAYALGVLHADQRHEVEAARFAFQQAWQKEAEAVSTR
;
_entity_poly.pdbx_strand_id   A
#
loop_
_chem_comp.id
_chem_comp.type
_chem_comp.name
_chem_comp.formula
CL non-polymer 'CHLORIDE ION' 'Cl -1'
CO3 non-polymer 'CARBONATE ION' 'C O3 -2'
CU non-polymer 'COPPER (II) ION' 'Cu 2'
SO4 non-polymer 'SULFATE ION' 'O4 S -2'
#
# COMPACT_ATOMS: atom_id res chain seq x y z
N SER A 18 -14.78 8.66 26.67
CA SER A 18 -14.59 7.33 25.99
C SER A 18 -15.31 7.28 24.60
N PRO A 19 -14.63 6.72 23.60
CA PRO A 19 -15.00 6.92 22.18
C PRO A 19 -16.36 6.35 21.77
N THR A 20 -17.14 7.16 21.07
CA THR A 20 -18.43 6.72 20.52
C THR A 20 -18.60 7.03 19.02
N GLY A 21 -19.79 6.72 18.49
CA GLY A 21 -20.20 7.18 17.17
C GLY A 21 -19.79 8.61 16.85
N ASP A 22 -19.88 9.49 17.82
CA ASP A 22 -19.58 10.90 17.55
C ASP A 22 -18.11 11.12 17.37
N THR A 23 -17.29 10.34 18.08
CA THR A 23 -15.84 10.35 17.88
C THR A 23 -15.53 9.89 16.46
N LEU A 24 -16.21 8.83 16.04
CA LEU A 24 -16.06 8.26 14.70
C LEU A 24 -16.41 9.30 13.65
N ALA A 25 -17.54 10.02 13.83
CA ALA A 25 -17.96 11.05 12.90
C ALA A 25 -16.92 12.16 12.83
N GLY A 26 -16.37 12.54 13.97
CA GLY A 26 -15.35 13.61 14.02
C GLY A 26 -14.14 13.19 13.20
N TYR A 27 -13.74 11.92 13.32
CA TYR A 27 -12.58 11.42 12.58
C TYR A 27 -12.82 11.43 11.07
N LEU A 28 -14.00 10.91 10.65
CA LEU A 28 -14.39 10.93 9.25
C LEU A 28 -14.46 12.36 8.67
N ARG A 29 -15.12 13.28 9.36
CA ARG A 29 -15.19 14.68 8.92
C ARG A 29 -13.78 15.31 8.74
N ALA A 30 -12.89 15.05 9.68
CA ALA A 30 -11.51 15.54 9.63
C ALA A 30 -10.73 15.00 8.44
N GLN A 31 -10.81 13.70 8.20
CA GLN A 31 -10.17 13.09 7.02
C GLN A 31 -10.75 13.59 5.69
N ALA A 32 -12.08 13.62 5.60
CA ALA A 32 -12.74 14.18 4.46
C ALA A 32 -12.26 15.59 4.15
N THR A 33 -12.13 16.39 5.19
CA THR A 33 -11.63 17.76 5.06
C THR A 33 -10.16 17.80 4.61
N GLU A 34 -9.29 16.97 5.18
CA GLU A 34 -7.93 16.80 4.64
C GLU A 34 -7.90 16.42 3.17
N PHE A 35 -8.76 15.49 2.75
CA PHE A 35 -8.88 15.14 1.33
C PHE A 35 -9.26 16.35 0.46
N LEU A 36 -10.21 17.16 0.93
CA LEU A 36 -10.62 18.34 0.16
C LEU A 36 -9.54 19.39 0.13
N ARG A 37 -8.83 19.57 1.23
CA ARG A 37 -7.65 20.47 1.20
C ARG A 37 -6.63 20.07 0.19
N ALA A 38 -6.23 18.80 0.24
CA ALA A 38 -5.26 18.30 -0.70
C ALA A 38 -5.76 18.46 -2.12
N LEU A 39 -7.02 18.16 -2.34
CA LEU A 39 -7.58 18.28 -3.66
C LEU A 39 -7.50 19.73 -4.16
N ARG A 40 -7.79 20.71 -3.31
CA ARG A 40 -7.72 22.13 -3.68
C ARG A 40 -6.28 22.51 -3.97
N LEU A 41 -5.34 22.10 -3.11
CA LEU A 41 -3.93 22.34 -3.37
C LEU A 41 -3.51 21.75 -4.72
N HIS A 42 -4.04 20.59 -5.04
CA HIS A 42 -3.63 19.90 -6.24
C HIS A 42 -4.01 20.72 -7.47
N ARG A 43 -5.21 21.29 -7.44
CA ARG A 43 -5.66 22.16 -8.48
C ARG A 43 -4.98 23.53 -8.33
N GLU A 44 -3.65 23.56 -8.28
CA GLU A 44 -2.90 24.70 -7.74
C GLU A 44 -3.70 25.97 -7.60
N PRO A 55 1.68 19.59 -5.58
CA PRO A 55 1.18 18.63 -6.57
C PRO A 55 1.57 17.20 -6.22
N VAL A 56 2.86 16.99 -5.98
CA VAL A 56 3.35 15.68 -5.58
C VAL A 56 2.97 15.46 -4.09
N GLU A 57 3.06 16.54 -3.31
CA GLU A 57 2.72 16.56 -1.90
C GLU A 57 1.23 16.34 -1.70
N ALA A 58 0.44 17.10 -2.46
CA ALA A 58 -1.00 17.00 -2.44
C ALA A 58 -1.46 15.59 -2.80
N ALA A 59 -0.83 14.94 -3.77
CA ALA A 59 -1.29 13.60 -4.15
C ALA A 59 -1.06 12.59 -3.00
N ARG A 60 0.04 12.75 -2.27
CA ARG A 60 0.28 11.89 -1.17
C ARG A 60 -0.76 12.10 -0.06
N ALA A 61 -1.07 13.35 0.23
CA ALA A 61 -2.12 13.71 1.19
C ALA A 61 -3.50 13.15 0.79
N LEU A 62 -3.80 13.16 -0.50
CA LEU A 62 -5.02 12.56 -1.01
C LEU A 62 -5.02 11.05 -0.76
N ARG A 63 -3.87 10.39 -0.98
CA ARG A 63 -3.77 8.95 -0.69
C ARG A 63 -3.96 8.60 0.78
N ARG A 64 -3.28 9.36 1.62
CA ARG A 64 -3.26 9.10 3.05
C ARG A 64 -4.63 9.25 3.63
N SER A 65 -5.42 10.22 3.12
CA SER A 65 -6.74 10.45 3.66
C SER A 65 -7.77 9.48 3.06
N ALA A 66 -7.71 9.26 1.76
CA ALA A 66 -8.57 8.29 1.11
C ALA A 66 -8.46 6.93 1.78
N ARG A 67 -7.24 6.51 2.04
CA ARG A 67 -6.99 5.22 2.66
C ARG A 67 -7.57 5.17 4.07
N ARG A 68 -7.43 6.26 4.80
CA ARG A 68 -8.05 6.29 6.14
C ARG A 68 -9.58 6.21 6.11
N ILE A 69 -10.20 6.85 5.14
CA ILE A 69 -11.64 6.87 5.09
C ILE A 69 -12.11 5.45 4.72
N SER A 70 -11.43 4.87 3.75
CA SER A 70 -11.77 3.58 3.26
C SER A 70 -11.62 2.54 4.39
N ALA A 71 -10.55 2.64 5.15
CA ALA A 71 -10.35 1.77 6.31
C ALA A 71 -11.45 1.91 7.35
N THR A 72 -11.79 3.14 7.65
CA THR A 72 -12.78 3.47 8.66
C THR A 72 -14.14 2.88 8.29
N LEU A 73 -14.48 2.99 7.01
CA LEU A 73 -15.74 2.47 6.51
C LEU A 73 -15.75 0.95 6.55
N HIS A 74 -14.60 0.31 6.71
CA HIS A 74 -14.53 -1.14 6.78
C HIS A 74 -14.70 -1.52 8.23
N THR A 75 -13.77 -1.05 9.06
CA THR A 75 -13.69 -1.42 10.49
C THR A 75 -14.99 -1.10 11.24
N PHE A 76 -15.61 0.04 10.88
CA PHE A 76 -16.73 0.62 11.62
C PHE A 76 -17.97 0.64 10.78
N GLN A 77 -18.01 -0.29 9.83
CA GLN A 77 -19.10 -0.39 8.89
C GLN A 77 -20.41 -0.58 9.62
N SER A 78 -20.39 -1.28 10.75
CA SER A 78 -21.66 -1.55 11.45
C SER A 78 -22.28 -0.30 12.01
N LEU A 79 -21.51 0.78 12.21
CA LEU A 79 -22.09 2.03 12.72
C LEU A 79 -22.53 3.02 11.64
N LEU A 80 -22.49 2.62 10.36
CA LEU A 80 -22.67 3.53 9.23
C LEU A 80 -23.66 2.89 8.24
N ASP A 81 -24.34 3.67 7.45
CA ASP A 81 -25.20 3.15 6.38
C ASP A 81 -24.47 2.20 5.45
N THR A 82 -24.99 0.97 5.32
CA THR A 82 -24.29 -0.07 4.63
C THR A 82 -24.07 0.25 3.15
N ASP A 83 -25.15 0.64 2.45
CA ASP A 83 -25.10 0.97 1.01
C ASP A 83 -24.08 2.08 0.80
N TRP A 84 -24.20 3.15 1.56
CA TRP A 84 -23.21 4.23 1.47
C TRP A 84 -21.76 3.70 1.59
N CYS A 85 -21.47 2.90 2.62
CA CYS A 85 -20.13 2.31 2.77
C CYS A 85 -19.68 1.53 1.53
N GLU A 86 -20.60 0.71 1.04
CA GLU A 86 -20.31 -0.20 -0.06
C GLU A 86 -20.08 0.58 -1.36
N GLY A 87 -20.84 1.64 -1.57
CA GLY A 87 -20.61 2.57 -2.68
C GLY A 87 -19.27 3.33 -2.54
N MET A 88 -18.94 3.81 -1.34
CA MET A 88 -17.71 4.62 -1.13
C MET A 88 -16.43 3.82 -1.28
N ARG A 89 -16.39 2.60 -0.74
CA ARG A 89 -15.08 1.91 -0.51
C ARG A 89 -14.29 1.60 -1.78
N PRO A 90 -14.89 0.89 -2.75
CA PRO A 90 -14.16 0.64 -4.02
C PRO A 90 -13.78 1.91 -4.77
N GLU A 91 -14.60 2.96 -4.64
CA GLU A 91 -14.30 4.20 -5.34
C GLU A 91 -13.11 4.84 -4.70
N LEU A 92 -13.10 4.86 -3.38
CA LEU A 92 -11.94 5.31 -2.64
C LEU A 92 -10.69 4.47 -2.90
N ALA A 93 -10.88 3.16 -3.02
CA ALA A 93 -9.77 2.26 -3.36
C ALA A 93 -9.24 2.56 -4.77
N TRP A 94 -10.17 2.74 -5.70
CA TRP A 94 -9.78 3.15 -7.04
C TRP A 94 -8.96 4.47 -6.94
N VAL A 95 -9.37 5.42 -6.12
CA VAL A 95 -8.64 6.67 -6.06
C VAL A 95 -7.22 6.47 -5.50
N SER A 96 -7.12 5.81 -4.35
CA SER A 96 -5.82 5.73 -3.67
C SER A 96 -4.82 4.89 -4.49
N GLY A 97 -5.32 3.83 -5.12
CA GLY A 97 -4.50 2.98 -6.03
C GLY A 97 -4.02 3.70 -7.30
N THR A 98 -4.91 4.48 -7.91
CA THR A 98 -4.57 5.23 -9.10
C THR A 98 -3.51 6.22 -8.79
N LEU A 99 -3.71 6.94 -7.69
CA LEU A 99 -2.72 7.91 -7.20
C LEU A 99 -1.39 7.31 -6.65
N ALA A 100 -1.37 6.04 -6.31
CA ALA A 100 -0.15 5.40 -5.79
C ALA A 100 0.86 5.01 -6.91
N MET A 101 0.35 4.74 -8.09
CA MET A 101 1.12 4.03 -9.13
C MET A 101 2.40 4.74 -9.55
N GLU A 102 2.29 6.00 -9.87
CA GLU A 102 3.49 6.72 -10.31
C GLU A 102 4.63 6.54 -9.30
N HIS A 103 4.35 6.85 -8.06
CA HIS A 103 5.31 6.74 -6.94
C HIS A 103 5.86 5.31 -6.75
N ALA A 104 5.01 4.29 -6.82
CA ALA A 104 5.49 2.94 -6.69
C ALA A 104 6.58 2.63 -7.75
N TYR A 105 6.34 3.04 -8.98
CA TYR A 105 7.32 2.81 -10.07
C TYR A 105 8.58 3.59 -9.85
N THR A 106 8.43 4.81 -9.34
CA THR A 106 9.61 5.66 -9.02
C THR A 106 10.44 5.06 -7.91
N ALA A 107 9.81 4.59 -6.85
CA ALA A 107 10.59 4.03 -5.73
C ALA A 107 11.22 2.67 -6.12
N ARG A 108 10.47 1.88 -6.90
CA ARG A 108 11.00 0.60 -7.37
C ARG A 108 12.29 0.77 -8.21
N LEU A 109 12.32 1.74 -9.09
CA LEU A 109 13.51 1.97 -9.90
C LEU A 109 14.69 2.29 -9.02
N GLU A 110 14.47 3.24 -8.13
CA GLU A 110 15.50 3.59 -7.16
C GLU A 110 16.04 2.42 -6.33
N ARG A 111 15.12 1.63 -5.79
CA ARG A 111 15.49 0.47 -5.01
C ARG A 111 16.35 -0.44 -5.89
N LEU A 112 15.94 -0.65 -7.13
CA LEU A 112 16.69 -1.57 -7.98
C LEU A 112 18.06 -1.01 -8.40
N LEU A 113 18.10 0.26 -8.76
CA LEU A 113 19.43 0.86 -9.07
C LEU A 113 20.38 0.87 -7.88
N ASN A 114 19.90 1.20 -6.70
CA ASN A 114 20.70 1.07 -5.49
C ASN A 114 21.23 -0.36 -5.34
N ALA A 115 20.35 -1.37 -5.50
CA ALA A 115 20.76 -2.73 -5.26
C ALA A 115 21.84 -3.18 -6.24
N LEU A 116 21.71 -2.81 -7.51
CA LEU A 116 22.74 -3.14 -8.53
C LEU A 116 24.13 -2.53 -8.27
N HIS A 117 24.13 -1.29 -7.79
CA HIS A 117 25.35 -0.58 -7.44
C HIS A 117 26.02 -1.34 -6.31
N ARG A 118 25.22 -1.66 -5.29
CA ARG A 118 25.67 -2.48 -4.17
C ARG A 118 26.21 -3.84 -4.61
N LEU A 119 25.43 -4.54 -5.41
CA LEU A 119 25.83 -5.87 -5.86
C LEU A 119 27.03 -5.89 -6.82
N SER A 120 27.40 -4.74 -7.37
CA SER A 120 28.62 -4.66 -8.16
C SER A 120 29.80 -4.57 -7.18
N GLY A 121 29.70 -3.70 -6.18
CA GLY A 121 30.66 -3.64 -5.07
C GLY A 121 31.58 -2.46 -5.23
N LEU A 168 30.08 -0.04 -12.69
CA LEU A 168 29.30 -1.24 -13.05
C LEU A 168 29.91 -2.00 -14.21
N THR A 169 30.03 -3.31 -14.05
CA THR A 169 30.40 -4.15 -15.17
C THR A 169 29.30 -4.01 -16.23
N VAL A 170 29.61 -4.37 -17.49
CA VAL A 170 28.65 -4.24 -18.60
C VAL A 170 27.26 -4.86 -18.28
N GLY A 171 27.24 -5.99 -17.56
CA GLY A 171 26.00 -6.71 -17.22
C GLY A 171 25.07 -5.89 -16.35
N ALA A 172 25.63 -5.40 -15.24
CA ALA A 172 24.96 -4.55 -14.31
C ALA A 172 24.51 -3.25 -14.95
N ALA A 173 25.38 -2.70 -15.79
CA ALA A 173 25.15 -1.40 -16.42
C ALA A 173 24.01 -1.53 -17.39
N LYS A 174 24.03 -2.61 -18.15
CA LYS A 174 22.95 -2.88 -19.06
C LYS A 174 21.65 -3.15 -18.34
N ALA A 175 21.69 -3.90 -17.23
CA ALA A 175 20.46 -4.22 -16.51
C ALA A 175 19.86 -2.95 -15.97
N GLY A 176 20.74 -2.05 -15.52
CA GLY A 176 20.37 -0.79 -14.94
C GLY A 176 19.66 0.09 -15.92
N ALA A 177 20.21 0.14 -17.12
CA ALA A 177 19.64 0.96 -18.17
C ALA A 177 18.31 0.36 -18.68
N LEU A 178 18.24 -0.96 -18.75
CA LEU A 178 17.00 -1.64 -19.14
C LEU A 178 15.85 -1.31 -18.17
N LEU A 179 16.09 -1.47 -16.88
CA LEU A 179 15.11 -1.16 -15.87
C LEU A 179 14.77 0.33 -15.81
N ASP A 180 15.78 1.18 -15.94
CA ASP A 180 15.52 2.60 -16.03
C ASP A 180 14.53 2.94 -17.18
N ARG A 181 14.78 2.37 -18.37
CA ARG A 181 13.87 2.54 -19.48
C ARG A 181 12.49 1.99 -19.17
N GLN A 182 12.40 0.74 -18.77
CA GLN A 182 11.12 0.11 -18.53
C GLN A 182 10.26 0.74 -17.43
N LEU A 183 10.87 1.00 -16.29
CA LEU A 183 10.18 1.61 -15.17
C LEU A 183 9.88 3.07 -15.38
N THR A 184 10.68 3.76 -16.18
CA THR A 184 10.39 5.13 -16.54
C THR A 184 9.18 5.24 -17.44
N LEU A 185 9.11 4.38 -18.45
CA LEU A 185 7.91 4.28 -19.23
C LEU A 185 6.69 4.02 -18.37
N ALA A 186 6.80 3.03 -17.50
CA ALA A 186 5.70 2.65 -16.58
C ALA A 186 5.24 3.86 -15.75
N ARG A 187 6.21 4.63 -15.27
CA ARG A 187 5.97 5.78 -14.46
C ARG A 187 5.22 6.84 -15.24
N THR A 188 5.76 7.21 -16.39
CA THR A 188 5.18 8.24 -17.27
C THR A 188 3.79 7.83 -17.67
N ARG A 189 3.63 6.56 -17.97
CA ARG A 189 2.28 6.07 -18.29
C ARG A 189 1.30 6.21 -17.10
N ALA A 190 1.77 5.82 -15.91
CA ALA A 190 1.03 5.96 -14.66
C ALA A 190 0.70 7.40 -14.36
N HIS A 191 1.68 8.30 -14.59
CA HIS A 191 1.49 9.70 -14.29
C HIS A 191 0.34 10.25 -15.15
N SER A 192 0.36 9.97 -16.45
CA SER A 192 -0.66 10.53 -17.32
C SER A 192 -2.01 9.86 -17.05
N THR A 193 -2.04 8.55 -16.78
CA THR A 193 -3.31 7.86 -16.44
C THR A 193 -3.95 8.45 -15.19
N ALA A 194 -3.10 8.81 -14.22
CA ALA A 194 -3.57 9.38 -12.95
C ALA A 194 -4.13 10.77 -13.10
N LEU A 195 -3.49 11.58 -13.92
CA LEU A 195 -4.02 12.92 -14.20
C LEU A 195 -5.28 12.82 -15.01
N GLN A 196 -5.36 11.87 -15.90
CA GLN A 196 -6.64 11.63 -16.57
C GLN A 196 -7.76 11.28 -15.57
N ALA A 197 -7.48 10.34 -14.69
CA ALA A 197 -8.44 9.90 -13.65
C ALA A 197 -8.96 11.07 -12.82
N MET A 198 -8.05 11.96 -12.46
CA MET A 198 -8.38 13.10 -11.64
C MET A 198 -9.23 14.15 -12.34
N GLY A 199 -9.20 14.17 -13.66
CA GLY A 199 -10.13 15.03 -14.42
C GLY A 199 -11.46 14.34 -14.76
N SER A 200 -11.66 13.09 -14.34
CA SER A 200 -12.79 12.29 -14.85
C SER A 200 -14.03 12.48 -14.03
N SER A 201 -15.14 12.05 -14.60
CA SER A 201 -16.40 12.23 -13.95
C SER A 201 -16.49 11.20 -12.80
N ARG A 202 -15.80 10.08 -12.93
CA ARG A 202 -15.74 9.11 -11.84
C ARG A 202 -15.10 9.69 -10.62
N PHE A 203 -13.97 10.34 -10.81
CA PHE A 203 -13.32 10.97 -9.72
C PHE A 203 -14.15 12.07 -9.09
N HIS A 204 -14.73 12.92 -9.91
CA HIS A 204 -15.56 14.01 -9.40
C HIS A 204 -16.72 13.51 -8.52
N ALA A 205 -17.35 12.40 -8.91
CA ALA A 205 -18.48 11.89 -8.16
C ALA A 205 -18.01 11.46 -6.76
N ILE A 206 -16.89 10.73 -6.70
CA ILE A 206 -16.43 10.24 -5.42
C ILE A 206 -15.92 11.41 -4.60
N ALA A 207 -15.25 12.38 -5.23
CA ALA A 207 -14.80 13.57 -4.50
C ALA A 207 -15.96 14.37 -3.92
N ASP A 208 -17.05 14.48 -4.67
CA ASP A 208 -18.30 15.12 -4.23
C ASP A 208 -18.84 14.47 -2.97
N LYS A 209 -18.79 13.14 -2.92
CA LYS A 209 -19.25 12.43 -1.71
C LYS A 209 -18.36 12.68 -0.54
N VAL A 210 -17.06 12.74 -0.78
CA VAL A 210 -16.15 13.12 0.29
C VAL A 210 -16.47 14.52 0.79
N ALA A 211 -16.78 15.44 -0.13
CA ALA A 211 -17.25 16.78 0.27
C ALA A 211 -18.47 16.72 1.20
N VAL A 212 -19.48 15.92 0.88
CA VAL A 212 -20.61 15.75 1.73
C VAL A 212 -20.19 15.24 3.10
N LEU A 213 -19.30 14.26 3.11
CA LEU A 213 -18.81 13.64 4.34
C LEU A 213 -18.07 14.61 5.22
N ALA A 214 -17.45 15.64 4.66
CA ALA A 214 -16.83 16.64 5.52
C ALA A 214 -17.86 17.34 6.44
N SER A 215 -19.14 17.35 6.07
CA SER A 215 -20.20 17.95 6.87
C SER A 215 -21.07 16.92 7.58
N GLU A 216 -21.55 15.90 6.86
CA GLU A 216 -22.48 14.92 7.41
C GLU A 216 -21.96 13.48 7.30
N VAL A 217 -22.05 12.75 8.40
CA VAL A 217 -21.65 11.35 8.46
C VAL A 217 -22.92 10.51 8.62
N PRO A 218 -23.15 9.52 7.75
CA PRO A 218 -24.36 8.68 7.88
C PRO A 218 -24.25 7.59 8.94
N LEU A 219 -24.20 8.01 10.20
CA LEU A 219 -24.24 7.09 11.32
C LEU A 219 -25.54 6.34 11.37
N THR A 220 -25.52 5.06 11.70
CA THR A 220 -26.78 4.32 11.98
C THR A 220 -27.48 4.89 13.23
N PRO A 221 -28.78 4.60 13.44
CA PRO A 221 -29.49 5.19 14.59
C PRO A 221 -28.81 5.05 15.94
N ALA A 222 -28.28 3.88 16.23
CA ALA A 222 -27.71 3.60 17.55
C ALA A 222 -26.28 4.10 17.72
N ALA A 223 -25.66 4.57 16.64
CA ALA A 223 -24.19 4.78 16.62
C ALA A 223 -23.71 5.81 17.61
N ALA A 224 -24.48 6.88 17.78
CA ALA A 224 -24.01 8.04 18.54
C ALA A 224 -23.60 7.66 19.97
N THR A 225 -24.37 6.73 20.55
CA THR A 225 -24.08 6.15 21.88
C THR A 225 -23.21 4.87 21.89
N ALA A 226 -23.00 4.21 20.76
CA ALA A 226 -22.22 2.95 20.73
C ALA A 226 -20.74 3.16 21.02
N ASP A 227 -20.14 2.22 21.76
CA ASP A 227 -18.74 2.27 22.17
C ASP A 227 -17.93 1.83 20.93
N LEU A 228 -16.96 2.62 20.49
CA LEU A 228 -16.08 2.21 19.36
C LEU A 228 -15.07 1.13 19.71
N ARG A 229 -14.74 0.93 20.97
CA ARG A 229 -13.65 0.03 21.30
C ARG A 229 -13.79 -1.43 20.92
N PRO A 230 -14.98 -2.00 21.03
CA PRO A 230 -15.15 -3.38 20.59
C PRO A 230 -14.88 -3.55 19.09
N LEU A 231 -15.23 -2.55 18.30
CA LEU A 231 -14.93 -2.59 16.85
C LEU A 231 -13.44 -2.52 16.54
N ALA A 232 -12.73 -1.64 17.22
CA ALA A 232 -11.28 -1.55 17.13
C ALA A 232 -10.61 -2.84 17.54
N THR A 233 -11.10 -3.42 18.64
CA THR A 233 -10.62 -4.72 19.15
C THR A 233 -10.80 -5.82 18.15
N ALA A 234 -11.96 -5.85 17.52
CA ALA A 234 -12.18 -6.81 16.46
C ALA A 234 -11.08 -6.71 15.34
N ALA A 235 -10.70 -5.49 14.98
CA ALA A 235 -9.71 -5.29 13.92
C ALA A 235 -8.39 -5.77 14.44
N LYS A 236 -8.10 -5.46 15.68
CA LYS A 236 -6.86 -5.97 16.29
C LYS A 236 -6.84 -7.50 16.24
N ASP A 237 -7.98 -8.12 16.61
CA ASP A 237 -8.04 -9.58 16.56
C ASP A 237 -7.81 -10.11 15.18
N ARG A 238 -8.44 -9.51 14.19
CA ARG A 238 -8.20 -10.01 12.80
C ARG A 238 -6.70 -10.00 12.44
N LEU A 239 -6.00 -8.95 12.87
CA LEU A 239 -4.55 -8.85 12.64
C LEU A 239 -3.78 -9.97 13.42
N THR A 240 -4.00 -10.03 14.73
CA THR A 240 -3.28 -10.96 15.59
C THR A 240 -3.57 -12.43 15.19
N ASP A 241 -4.81 -12.75 14.78
CA ASP A 241 -5.09 -14.11 14.32
C ASP A 241 -4.35 -14.42 13.03
N ALA A 242 -4.26 -13.44 12.12
CA ALA A 242 -3.52 -13.63 10.88
C ALA A 242 -2.03 -13.80 11.11
N VAL A 243 -1.48 -13.00 12.01
CA VAL A 243 -0.10 -13.16 12.35
C VAL A 243 0.18 -14.58 12.92
N ALA A 244 -0.64 -15.01 13.89
CA ALA A 244 -0.56 -16.39 14.47
C ALA A 244 -0.53 -17.47 13.39
N ALA A 245 -1.23 -17.25 12.30
CA ALA A 245 -1.25 -18.18 11.19
C ALA A 245 -0.03 -18.10 10.25
N LEU A 246 0.88 -17.15 10.41
CA LEU A 246 2.14 -17.18 9.61
C LEU A 246 3.20 -18.15 10.18
N PRO A 247 4.01 -18.75 9.30
CA PRO A 247 5.18 -19.59 9.72
C PRO A 247 6.32 -18.86 10.48
N LEU A 248 6.96 -19.52 11.46
CA LEU A 248 8.13 -18.98 12.17
C LEU A 248 9.35 -18.85 11.22
N ILE A 249 10.37 -18.07 11.60
CA ILE A 249 11.66 -18.00 10.86
C ILE A 249 12.85 -18.03 11.85
N THR A 250 13.94 -18.68 11.44
CA THR A 250 15.27 -18.55 12.10
C THR A 250 16.37 -19.04 11.17
N ALA A 258 13.43 -21.24 -1.27
CA ALA A 258 13.31 -19.84 -1.67
C ALA A 258 12.67 -19.63 -3.07
N ALA A 259 12.85 -20.60 -3.98
CA ALA A 259 12.46 -20.46 -5.40
C ALA A 259 13.08 -19.24 -6.10
N LEU A 260 14.39 -19.28 -6.19
CA LEU A 260 15.16 -18.22 -6.80
C LEU A 260 15.27 -18.36 -8.32
N ILE A 261 15.12 -19.55 -8.84
CA ILE A 261 15.04 -19.71 -10.27
C ILE A 261 13.68 -20.31 -10.52
N HIS A 262 12.81 -19.57 -11.18
CA HIS A 262 11.47 -20.03 -11.55
C HIS A 262 11.14 -19.32 -12.85
N GLY A 263 10.21 -19.87 -13.62
CA GLY A 263 9.69 -19.20 -14.82
C GLY A 263 8.54 -18.24 -14.51
N LEU A 264 7.89 -17.73 -15.54
CA LEU A 264 6.87 -16.71 -15.35
C LEU A 264 5.68 -16.92 -16.28
N SER A 265 4.54 -17.29 -15.69
CA SER A 265 3.22 -17.33 -16.37
C SER A 265 2.16 -16.64 -15.51
N PRO A 266 1.03 -16.20 -16.12
CA PRO A 266 -0.12 -15.80 -15.28
C PRO A 266 -0.74 -16.96 -14.43
N ASP A 267 -0.37 -18.21 -14.71
CA ASP A 267 -0.75 -19.37 -13.87
C ASP A 267 0.25 -19.67 -12.76
N THR A 268 1.52 -19.31 -12.99
CA THR A 268 2.58 -19.45 -11.97
C THR A 268 2.17 -18.67 -10.71
N VAL A 269 2.19 -19.32 -9.55
CA VAL A 269 2.28 -18.60 -8.29
C VAL A 269 3.71 -18.75 -7.79
N PRO A 270 4.63 -17.88 -8.24
CA PRO A 270 6.04 -18.16 -7.93
C PRO A 270 6.41 -18.03 -6.44
N HIS A 271 5.76 -17.11 -5.71
CA HIS A 271 6.10 -16.81 -4.31
C HIS A 271 4.83 -16.81 -3.48
N PRO A 272 4.29 -18.02 -3.21
CA PRO A 272 2.95 -18.17 -2.64
C PRO A 272 2.82 -17.62 -1.24
N GLN A 273 3.84 -17.80 -0.41
CA GLN A 273 3.86 -17.23 0.93
C GLN A 273 3.81 -15.72 0.98
N ASP A 274 4.13 -15.03 -0.10
CA ASP A 274 3.99 -13.56 -0.09
C ASP A 274 2.54 -13.14 0.28
N ALA A 275 1.54 -13.90 -0.19
CA ALA A 275 0.14 -13.43 -0.06
C ALA A 275 -0.28 -13.29 1.40
N PRO A 276 -0.03 -14.29 2.24
CA PRO A 276 -0.42 -14.08 3.65
C PRO A 276 0.28 -12.90 4.35
N TRP A 277 1.56 -12.68 4.04
CA TRP A 277 2.31 -11.52 4.55
C TRP A 277 1.75 -10.16 4.08
N HIS A 278 1.37 -10.11 2.83
CA HIS A 278 0.75 -8.90 2.29
C HIS A 278 -0.62 -8.67 2.83
N GLN A 279 -1.33 -9.75 3.15
CA GLN A 279 -2.60 -9.59 3.88
C GLN A 279 -2.40 -9.06 5.30
N VAL A 280 -1.43 -9.60 6.01
CA VAL A 280 -1.08 -9.03 7.28
C VAL A 280 -0.67 -7.55 7.18
N ARG A 281 0.04 -7.15 6.14
CA ARG A 281 0.38 -5.72 5.93
C ARG A 281 -0.92 -4.91 5.91
N LEU A 282 -1.90 -5.35 5.15
CA LEU A 282 -3.18 -4.60 5.13
C LEU A 282 -3.91 -4.61 6.48
N LEU A 283 -3.90 -5.74 7.18
CA LEU A 283 -4.65 -5.85 8.44
C LEU A 283 -3.97 -4.91 9.48
N LEU A 284 -2.66 -4.81 9.40
CA LEU A 284 -1.94 -3.97 10.35
C LEU A 284 -2.31 -2.50 10.14
N ARG A 285 -2.41 -2.13 8.88
CA ARG A 285 -2.84 -0.79 8.54
C ARG A 285 -4.26 -0.47 8.99
N LEU A 286 -5.17 -1.44 8.80
CA LEU A 286 -6.54 -1.31 9.31
C LEU A 286 -6.54 -1.05 10.80
N HIS A 287 -5.70 -1.78 11.52
CA HIS A 287 -5.57 -1.65 12.98
C HIS A 287 -5.00 -0.25 13.35
N ARG A 288 -4.05 0.24 12.59
CA ARG A 288 -3.45 1.53 12.93
C ARG A 288 -4.47 2.63 12.83
N TYR A 289 -5.27 2.56 11.79
CA TYR A 289 -6.23 3.60 11.50
C TYR A 289 -7.43 3.53 12.38
N ALA A 290 -7.72 2.34 12.89
CA ALA A 290 -8.77 2.16 13.90
C ALA A 290 -8.35 2.80 15.23
N ARG A 291 -7.12 2.53 15.67
CA ARG A 291 -6.55 3.24 16.81
C ARG A 291 -6.69 4.76 16.62
N GLU A 292 -6.38 5.28 15.42
CA GLU A 292 -6.58 6.73 15.13
C GLU A 292 -8.06 7.13 15.31
N ALA A 293 -8.99 6.38 14.74
CA ALA A 293 -10.40 6.74 14.81
C ALA A 293 -10.95 6.84 16.24
N VAL A 294 -10.44 5.94 17.08
CA VAL A 294 -10.82 5.76 18.47
C VAL A 294 -10.28 6.88 19.30
N SER A 295 -9.11 7.38 18.95
CA SER A 295 -8.56 8.58 19.54
C SER A 295 -9.34 9.83 19.05
N GLY A 296 -9.84 9.78 17.82
CA GLY A 296 -10.69 10.81 17.22
C GLY A 296 -9.95 11.88 16.43
N PRO A 297 -10.67 12.95 16.01
CA PRO A 297 -10.00 14.09 15.40
C PRO A 297 -9.15 14.86 16.44
N VAL A 303 2.48 7.49 19.91
CA VAL A 303 3.34 6.77 18.97
C VAL A 303 3.68 5.36 19.51
N ASP A 304 3.14 4.31 18.88
CA ASP A 304 3.50 2.93 19.21
C ASP A 304 4.62 2.51 18.24
N LEU A 305 5.84 2.40 18.77
CA LEU A 305 7.03 2.19 17.95
C LEU A 305 7.15 0.77 17.51
N ARG A 306 6.70 -0.16 18.33
CA ARG A 306 6.65 -1.55 17.92
C ARG A 306 5.78 -1.73 16.68
N LEU A 307 4.59 -1.12 16.65
CA LEU A 307 3.70 -1.26 15.48
C LEU A 307 4.26 -0.55 14.30
N LEU A 308 4.91 0.59 14.53
CA LEU A 308 5.55 1.26 13.40
C LEU A 308 6.71 0.45 12.87
N SER A 309 7.50 -0.17 13.73
CA SER A 309 8.54 -1.04 13.23
C SER A 309 7.97 -2.24 12.44
N ALA A 310 6.91 -2.86 12.93
CA ALA A 310 6.31 -4.01 12.22
C ALA A 310 5.83 -3.57 10.87
N GLY A 311 5.22 -2.40 10.84
CA GLY A 311 4.68 -1.84 9.61
C GLY A 311 5.75 -1.49 8.58
N GLN A 312 6.88 -0.97 9.02
CA GLN A 312 8.02 -0.71 8.14
C GLN A 312 8.54 -1.99 7.53
N ALA A 313 8.67 -3.03 8.35
CA ALA A 313 9.17 -4.28 7.85
C ALA A 313 8.22 -4.84 6.80
N LEU A 314 6.91 -4.71 6.99
CA LEU A 314 5.99 -5.19 5.96
C LEU A 314 6.00 -4.35 4.67
N ASN A 315 6.30 -3.05 4.76
CA ASN A 315 6.48 -2.28 3.52
C ASN A 315 7.73 -2.72 2.74
N ARG A 316 8.80 -3.06 3.44
CA ARG A 316 9.98 -3.50 2.75
C ARG A 316 9.71 -4.84 2.12
N HIS A 317 8.95 -5.67 2.81
CA HIS A 317 8.55 -6.97 2.29
C HIS A 317 7.84 -6.81 0.94
N ARG A 318 6.89 -5.92 0.90
CA ARG A 318 6.09 -5.68 -0.26
C ARG A 318 6.94 -5.06 -1.37
N ASP A 319 7.74 -4.05 -1.03
CA ASP A 319 8.59 -3.39 -2.00
C ASP A 319 9.62 -4.36 -2.53
N ALA A 320 10.26 -5.14 -1.66
CA ALA A 320 11.27 -6.09 -2.15
C ALA A 320 10.61 -7.16 -3.03
N SER A 321 9.43 -7.62 -2.62
CA SER A 321 8.68 -8.56 -3.42
C SER A 321 8.42 -8.04 -4.84
N GLU A 322 7.96 -6.81 -4.94
CA GLU A 322 7.57 -6.25 -6.24
C GLU A 322 8.85 -5.92 -7.05
N ALA A 323 9.90 -5.50 -6.37
CA ALA A 323 11.12 -5.26 -7.05
C ALA A 323 11.69 -6.55 -7.64
N ALA A 324 11.63 -7.65 -6.89
CA ALA A 324 12.15 -8.90 -7.40
C ALA A 324 11.39 -9.29 -8.66
N ALA A 325 10.08 -9.05 -8.68
CA ALA A 325 9.24 -9.44 -9.81
C ALA A 325 9.55 -8.57 -11.01
N ALA A 326 9.88 -7.30 -10.81
CA ALA A 326 10.29 -6.48 -11.93
C ALA A 326 11.62 -6.97 -12.51
N ALA A 327 12.55 -7.45 -11.68
CA ALA A 327 13.81 -7.96 -12.21
C ALA A 327 13.57 -9.24 -13.02
N ALA A 328 12.75 -10.14 -12.50
CA ALA A 328 12.45 -11.38 -13.21
C ALA A 328 11.81 -11.07 -14.57
N GLN A 329 10.81 -10.21 -14.55
CA GLN A 329 10.11 -9.86 -15.74
C GLN A 329 11.03 -9.17 -16.75
N ALA A 330 11.90 -8.28 -16.30
CA ALA A 330 12.84 -7.68 -17.19
C ALA A 330 13.77 -8.72 -17.87
N ALA A 331 14.10 -9.77 -17.18
CA ALA A 331 14.93 -10.84 -17.72
C ALA A 331 14.26 -11.60 -18.87
N ARG A 332 12.94 -11.46 -19.01
CA ARG A 332 12.24 -12.04 -20.15
C ARG A 332 12.13 -11.09 -21.34
N THR A 333 12.65 -9.88 -21.26
CA THR A 333 12.61 -8.95 -22.37
C THR A 333 13.37 -9.57 -23.56
N PRO A 334 12.80 -9.54 -24.78
CA PRO A 334 13.48 -10.24 -25.88
C PRO A 334 14.75 -9.52 -26.29
N ARG A 335 15.70 -10.28 -26.81
CA ARG A 335 16.99 -9.76 -27.31
C ARG A 335 17.94 -9.17 -26.23
N ILE A 336 17.75 -9.46 -24.95
CA ILE A 336 18.76 -8.97 -24.05
C ILE A 336 19.94 -9.90 -24.08
N ALA A 337 21.11 -9.33 -23.80
CA ALA A 337 22.39 -10.06 -23.73
C ALA A 337 22.39 -11.00 -22.49
N PRO A 338 23.11 -12.14 -22.56
CA PRO A 338 23.25 -13.05 -21.41
C PRO A 338 23.77 -12.35 -20.15
N ALA A 339 24.74 -11.45 -20.30
CA ALA A 339 25.29 -10.76 -19.17
C ALA A 339 24.23 -9.91 -18.47
N THR A 340 23.28 -9.39 -19.24
CA THR A 340 22.21 -8.57 -18.68
C THR A 340 21.25 -9.47 -17.90
N ALA A 341 20.88 -10.61 -18.48
CA ALA A 341 20.00 -11.53 -17.78
C ALA A 341 20.67 -12.08 -16.52
N TYR A 342 21.97 -12.24 -16.57
CA TYR A 342 22.70 -12.79 -15.44
C TYR A 342 22.66 -11.81 -14.31
N ALA A 343 22.84 -10.53 -14.60
CA ALA A 343 22.74 -9.54 -13.58
C ALA A 343 21.34 -9.50 -12.94
N LEU A 344 20.33 -9.63 -13.78
CA LEU A 344 18.97 -9.58 -13.33
C LEU A 344 18.66 -10.78 -12.46
N GLY A 345 19.22 -11.94 -12.77
CA GLY A 345 19.12 -13.11 -11.86
C GLY A 345 19.62 -12.87 -10.43
N VAL A 346 20.75 -12.17 -10.33
CA VAL A 346 21.35 -11.83 -9.06
C VAL A 346 20.45 -10.86 -8.31
N LEU A 347 19.98 -9.87 -9.04
CA LEU A 347 19.10 -8.84 -8.48
C LEU A 347 17.76 -9.36 -7.98
N HIS A 348 17.14 -10.27 -8.72
CA HIS A 348 15.96 -10.96 -8.23
C HIS A 348 16.24 -11.71 -6.95
N ALA A 349 17.38 -12.40 -6.89
CA ALA A 349 17.75 -13.17 -5.72
C ALA A 349 17.98 -12.26 -4.51
N ASP A 350 18.76 -11.21 -4.74
CA ASP A 350 18.94 -10.18 -3.75
C ASP A 350 17.63 -9.68 -3.13
N GLN A 351 16.67 -9.34 -3.98
CA GLN A 351 15.42 -8.78 -3.48
C GLN A 351 14.59 -9.86 -2.78
N ARG A 352 14.70 -11.11 -3.21
CA ARG A 352 14.05 -12.19 -2.48
C ARG A 352 14.70 -12.40 -1.12
N HIS A 353 16.02 -12.17 -1.04
CA HIS A 353 16.70 -12.19 0.27
C HIS A 353 16.21 -11.07 1.16
N GLU A 354 15.92 -9.91 0.60
CA GLU A 354 15.33 -8.81 1.38
C GLU A 354 13.90 -9.18 1.81
N VAL A 355 13.16 -9.94 1.02
CA VAL A 355 11.79 -10.35 1.47
C VAL A 355 11.91 -11.16 2.75
N GLU A 356 12.76 -12.18 2.73
CA GLU A 356 13.06 -12.98 3.90
C GLU A 356 13.57 -12.15 5.08
N ALA A 357 14.52 -11.28 4.88
CA ALA A 357 14.94 -10.43 5.98
C ALA A 357 13.77 -9.60 6.50
N ALA A 358 12.92 -9.11 5.61
CA ALA A 358 11.84 -8.31 6.12
C ALA A 358 10.90 -9.17 7.00
N ARG A 359 10.75 -10.45 6.65
CA ARG A 359 9.85 -11.32 7.40
C ARG A 359 10.43 -11.55 8.80
N PHE A 360 11.75 -11.75 8.84
CA PHE A 360 12.44 -11.87 10.12
C PHE A 360 12.33 -10.55 10.96
N ALA A 361 12.57 -9.41 10.33
CA ALA A 361 12.43 -8.14 11.03
C ALA A 361 11.01 -7.97 11.60
N PHE A 362 9.99 -8.31 10.81
CA PHE A 362 8.63 -8.18 11.30
C PHE A 362 8.47 -9.06 12.53
N GLN A 363 8.87 -10.31 12.40
CA GLN A 363 8.79 -11.27 13.51
C GLN A 363 9.45 -10.79 14.80
N GLN A 364 10.65 -10.23 14.72
CA GLN A 364 11.34 -9.72 15.90
C GLN A 364 10.61 -8.54 16.50
N ALA A 365 10.12 -7.66 15.65
CA ALA A 365 9.36 -6.52 16.09
C ALA A 365 8.02 -6.94 16.72
N TRP A 366 7.36 -7.92 16.11
CA TRP A 366 6.03 -8.32 16.58
C TRP A 366 6.16 -9.07 17.90
N GLN A 367 7.15 -9.98 17.99
CA GLN A 367 7.42 -10.69 19.26
C GLN A 367 8.29 -9.89 20.23
N LYS A 368 8.69 -8.68 19.86
CA LYS A 368 9.46 -7.82 20.73
C LYS A 368 10.81 -8.48 21.03
CU CU B . 10.56 -14.54 -8.12
CU CU C . 21.79 -14.58 -3.42
CL CL D . 9.29 -12.97 -8.81
CL CL E . -11.53 -0.25 -11.06
S SO4 F . -0.59 1.12 -0.88
O1 SO4 F . -1.80 1.99 -0.86
O2 SO4 F . 0.47 1.73 -0.05
O3 SO4 F . -0.88 -0.27 -0.36
O4 SO4 F . -0.10 1.11 -2.28
S SO4 G . 0.39 6.15 6.89
O1 SO4 G . -0.50 6.87 6.00
O2 SO4 G . 0.46 6.96 8.14
O3 SO4 G . 1.73 6.02 6.32
O4 SO4 G . -0.16 4.79 7.08
S SO4 H . 7.85 -17.61 -0.98
O1 SO4 H . 6.80 -18.67 -1.14
O2 SO4 H . 7.08 -16.33 -0.88
O3 SO4 H . 8.58 -17.72 0.29
O4 SO4 H . 8.87 -17.72 -2.10
S SO4 I . 2.47 6.46 0.69
O1 SO4 I . 1.23 6.39 -0.10
O2 SO4 I . 2.14 7.01 2.06
O3 SO4 I . 3.41 7.41 0.10
O4 SO4 I . 3.04 5.14 0.84
C CO3 J . -15.26 18.27 -5.98
O1 CO3 J . -14.93 19.45 -6.08
O2 CO3 J . -14.97 17.51 -6.90
O3 CO3 J . -15.86 17.87 -4.98
#